data_1P47
#
_entry.id   1P47
#
_cell.length_a   70.629
_cell.length_b   70.629
_cell.length_c   99.608
_cell.angle_alpha   90.00
_cell.angle_beta   90.00
_cell.angle_gamma   120.00
#
_symmetry.space_group_name_H-M   'P 31'
#
loop_
_entity.id
_entity.type
_entity.pdbx_description
1 polymer "5'-D(*GP*TP*GP*GP*CP*GP*TP*GP*GP*GP*CP*GP*GP*CP*GP*TP*GP*GP*GP*CP*GP*T)-3'"
2 polymer "5'-D(*CP*AP*CP*GP*CP*CP*CP*AP*CP*GP*CP*CP*GP*CP*CP*CP*AP*CP*GP*CP*CP*A)-3'"
3 polymer 'Early growth response protein 1'
4 non-polymer 'ZINC ION'
5 water water
#
loop_
_entity_poly.entity_id
_entity_poly.type
_entity_poly.pdbx_seq_one_letter_code
_entity_poly.pdbx_strand_id
1 'polydeoxyribonucleotide'
;(DG)(DT)(DG)(DG)(DC)(DG)(DT)(DG)(DG)(DG)(DC)(DG)(DG)(DC)(DG)(DT)(DG)(DG)(DG)(DC)
(DG)(DT)
;
C
2 'polydeoxyribonucleotide'
;(DC)(DA)(DC)(DG)(DC)(DC)(DC)(DA)(DC)(DG)(DC)(DC)(DG)(DC)(DC)(DC)(DA)(DC)(DG)(DC)
(DC)(DA)
;
D
3 'polypeptide(L)'
;ERPYACPVESCDRRFSRSDELTRHIRIHTGQKPFQCRICMRNFSRSDHLTTHIRTHTGEKPFACDICGRKFARSDERKRH
TKIHLRQ
;
A,B
#
# COMPACT_ATOMS: atom_id res chain seq x y z
N GLU C 1 7.47 -9.03 19.66
CA GLU C 1 7.07 -7.77 20.36
C GLU C 1 5.78 -7.19 19.68
N ARG C 2 5.98 -6.56 18.48
CA ARG C 2 5.00 -5.73 17.77
C ARG C 2 4.88 -4.28 18.36
N PRO C 3 5.70 -3.41 17.83
CA PRO C 3 5.88 -2.08 18.41
C PRO C 3 4.64 -1.18 18.56
N TYR C 4 3.74 -1.15 17.57
CA TYR C 4 2.61 -0.23 17.56
C TYR C 4 1.40 -0.85 18.29
N ALA C 5 0.90 -0.16 19.28
CA ALA C 5 0.00 -0.76 20.15
C ALA C 5 -1.13 0.18 20.09
N CYS C 6 -2.34 -0.35 20.08
CA CYS C 6 -3.50 0.48 20.11
C CYS C 6 -3.60 1.02 21.49
N PRO C 7 -3.77 2.33 21.65
CA PRO C 7 -3.89 2.91 22.96
C PRO C 7 -5.23 2.97 23.54
N VAL C 8 -6.17 2.20 23.06
CA VAL C 8 -7.50 2.33 23.61
C VAL C 8 -7.63 1.38 24.76
N GLU C 9 -8.66 1.62 25.57
CA GLU C 9 -9.05 0.91 26.83
C GLU C 9 -9.14 -0.61 26.69
N SER C 10 -10.22 -1.13 26.16
CA SER C 10 -10.30 -2.58 26.23
C SER C 10 -9.68 -3.34 25.01
N CYS C 11 -8.71 -2.73 24.32
CA CYS C 11 -8.14 -3.30 23.06
C CYS C 11 -6.62 -3.38 23.31
N ASP C 12 -6.12 -4.61 23.24
CA ASP C 12 -4.83 -5.05 23.78
C ASP C 12 -4.09 -5.61 22.52
N ARG C 13 -4.46 -5.00 21.36
CA ARG C 13 -4.15 -5.41 19.96
C ARG C 13 -2.91 -4.63 19.43
N ARG C 14 -1.91 -5.35 18.90
CA ARG C 14 -0.65 -4.73 18.42
C ARG C 14 -0.36 -4.98 17.00
N PHE C 15 0.58 -4.22 16.42
CA PHE C 15 0.88 -4.28 14.96
C PHE C 15 2.26 -4.03 14.60
N SER C 16 2.75 -4.75 13.63
CA SER C 16 4.14 -4.50 13.27
C SER C 16 4.29 -3.04 12.71
N ARG C 17 3.44 -2.68 11.69
CA ARG C 17 3.45 -1.33 11.04
C ARG C 17 2.43 -0.30 11.61
N SER C 18 2.71 0.97 11.40
CA SER C 18 1.83 1.96 11.92
C SER C 18 0.68 2.21 10.91
N ASP C 19 0.91 1.99 9.59
CA ASP C 19 -0.23 2.05 8.71
C ASP C 19 -1.29 0.98 9.18
N GLU C 20 -0.88 -0.13 9.76
CA GLU C 20 -1.87 -1.09 10.26
C GLU C 20 -2.60 -0.64 11.46
N LEU C 21 -1.89 0.02 12.34
CA LEU C 21 -2.60 0.64 13.45
C LEU C 21 -3.51 1.80 12.94
N THR C 22 -3.07 2.59 11.94
CA THR C 22 -3.97 3.66 11.47
C THR C 22 -5.26 3.01 10.90
N ARG C 23 -5.11 1.91 10.15
CA ARG C 23 -6.41 1.26 9.73
C ARG C 23 -7.21 0.70 10.84
N HIS C 24 -6.58 0.02 11.80
CA HIS C 24 -7.29 -0.58 12.91
C HIS C 24 -8.04 0.39 13.81
N ILE C 25 -7.52 1.60 13.93
CA ILE C 25 -8.18 2.55 14.78
C ILE C 25 -9.64 2.88 14.33
N ARG C 26 -9.98 2.82 13.04
CA ARG C 26 -11.34 3.18 12.57
C ARG C 26 -12.44 2.36 13.09
N ILE C 27 -12.11 1.20 13.70
CA ILE C 27 -13.13 0.33 14.15
C ILE C 27 -13.67 0.91 15.39
N HIS C 28 -12.80 1.69 16.10
CA HIS C 28 -13.12 2.50 17.29
C HIS C 28 -13.81 3.84 16.90
N THR C 29 -13.26 4.56 15.92
CA THR C 29 -13.94 5.76 15.48
C THR C 29 -15.07 5.58 14.48
N GLY C 30 -15.66 4.36 14.27
CA GLY C 30 -16.75 4.13 13.30
C GLY C 30 -16.69 4.85 11.93
N GLN C 31 -15.53 5.43 11.64
CA GLN C 31 -15.28 6.19 10.34
C GLN C 31 -15.22 5.20 9.16
N LYS C 32 -15.55 5.80 8.01
CA LYS C 32 -15.94 5.15 6.82
C LYS C 32 -15.74 6.06 5.74
N PRO C 33 -14.53 6.18 5.34
CA PRO C 33 -14.21 7.16 4.26
C PRO C 33 -14.53 6.77 2.90
N PHE C 34 -14.94 5.54 2.59
CA PHE C 34 -14.91 5.21 1.15
C PHE C 34 -16.45 5.12 0.63
N GLN C 35 -16.92 5.62 -0.47
CA GLN C 35 -18.38 5.48 -0.59
C GLN C 35 -18.77 4.86 -1.84
N CYS C 36 -19.81 4.00 -1.81
CA CYS C 36 -20.36 3.48 -3.06
C CYS C 36 -21.19 4.63 -3.63
N ARG C 37 -20.96 5.10 -4.83
CA ARG C 37 -21.74 6.08 -5.54
C ARG C 37 -23.00 5.64 -6.23
N ILE C 38 -23.37 4.39 -5.98
CA ILE C 38 -24.46 3.76 -6.67
C ILE C 38 -25.48 3.67 -5.57
N CYS C 39 -25.18 3.09 -4.35
CA CYS C 39 -26.19 2.99 -3.21
C CYS C 39 -26.00 4.02 -2.00
N MET C 40 -24.99 4.86 -2.24
CA MET C 40 -24.35 5.70 -1.31
C MET C 40 -23.90 5.15 0.05
N ARG C 41 -24.07 3.89 0.33
CA ARG C 41 -23.36 3.28 1.53
C ARG C 41 -21.80 3.54 1.55
N ASN C 42 -21.26 3.64 2.79
CA ASN C 42 -19.93 4.08 3.04
C ASN C 42 -19.14 2.92 3.71
N PHE C 43 -17.83 2.90 3.44
CA PHE C 43 -17.04 1.75 4.03
C PHE C 43 -15.80 2.21 4.69
N SER C 44 -15.40 1.41 5.65
CA SER C 44 -14.04 1.59 6.31
C SER C 44 -12.90 1.33 5.32
N ARG C 45 -13.10 0.72 4.16
CA ARG C 45 -11.91 0.39 3.36
C ARG C 45 -12.13 0.39 1.93
N SER C 46 -11.13 0.86 1.20
CA SER C 46 -11.22 0.93 -0.25
C SER C 46 -11.31 -0.40 -0.94
N ASP C 47 -10.67 -1.41 -0.37
CA ASP C 47 -10.79 -2.80 -1.07
C ASP C 47 -12.16 -3.43 -0.80
N HIS C 48 -12.72 -3.20 0.37
CA HIS C 48 -14.07 -3.81 0.71
C HIS C 48 -15.04 -3.03 -0.11
N LEU C 49 -14.69 -1.76 -0.48
CA LEU C 49 -15.68 -1.04 -1.27
C LEU C 49 -15.67 -1.55 -2.67
N THR C 50 -14.44 -1.78 -3.18
CA THR C 50 -14.31 -2.34 -4.56
C THR C 50 -15.05 -3.70 -4.69
N THR C 51 -14.94 -4.54 -3.71
CA THR C 51 -15.73 -5.86 -3.93
C THR C 51 -17.23 -5.56 -3.75
N HIS C 52 -17.59 -4.58 -2.86
CA HIS C 52 -19.04 -4.19 -2.71
C HIS C 52 -19.50 -3.76 -4.00
N ILE C 53 -18.70 -3.00 -4.71
CA ILE C 53 -19.24 -2.54 -6.04
C ILE C 53 -19.66 -3.64 -6.98
N ARG C 54 -18.87 -4.76 -6.95
CA ARG C 54 -19.30 -6.02 -7.65
C ARG C 54 -20.73 -6.47 -7.43
N THR C 55 -21.29 -6.26 -6.25
CA THR C 55 -22.68 -6.77 -6.10
C THR C 55 -23.65 -5.93 -6.94
N HIS C 56 -23.19 -4.77 -7.42
CA HIS C 56 -24.01 -4.04 -8.30
C HIS C 56 -23.71 -4.33 -9.74
N THR C 57 -22.47 -4.49 -10.14
CA THR C 57 -22.22 -4.59 -11.57
C THR C 57 -22.27 -6.10 -11.97
N GLY C 58 -22.47 -7.06 -11.04
CA GLY C 58 -22.21 -8.48 -11.35
C GLY C 58 -20.83 -8.92 -11.86
N GLU C 59 -19.84 -8.11 -11.76
CA GLU C 59 -18.52 -8.60 -12.15
C GLU C 59 -18.08 -9.80 -11.25
N LYS C 60 -17.60 -10.81 -11.92
CA LYS C 60 -17.15 -11.99 -11.23
C LYS C 60 -15.92 -12.55 -11.81
N PRO C 61 -14.80 -12.00 -11.45
CA PRO C 61 -13.50 -12.32 -12.02
C PRO C 61 -12.86 -13.66 -11.68
N PHE C 62 -13.37 -14.37 -10.69
CA PHE C 62 -12.69 -15.57 -10.18
C PHE C 62 -13.41 -16.93 -10.57
N ALA C 63 -12.71 -17.77 -11.33
CA ALA C 63 -13.40 -18.95 -11.87
C ALA C 63 -12.81 -20.23 -11.23
N CYS C 64 -13.67 -21.06 -10.66
CA CYS C 64 -13.28 -22.38 -10.11
C CYS C 64 -12.38 -23.23 -11.16
N ASP C 65 -11.18 -23.68 -10.86
CA ASP C 65 -10.52 -24.44 -11.96
C ASP C 65 -11.23 -25.81 -12.25
N ILE C 66 -11.73 -26.47 -11.21
CA ILE C 66 -12.52 -27.66 -11.44
C ILE C 66 -13.73 -27.45 -12.22
N CYS C 67 -14.63 -26.51 -11.92
CA CYS C 67 -15.94 -26.46 -12.66
C CYS C 67 -16.27 -25.27 -13.48
N GLY C 68 -15.47 -24.20 -13.48
CA GLY C 68 -15.86 -23.02 -14.27
C GLY C 68 -16.78 -21.94 -13.56
N ARG C 69 -17.44 -22.29 -12.44
CA ARG C 69 -18.36 -21.33 -11.83
C ARG C 69 -17.55 -20.00 -11.39
N LYS C 70 -18.17 -18.88 -11.67
CA LYS C 70 -17.47 -17.55 -11.48
C LYS C 70 -17.87 -16.85 -10.10
N PHE C 71 -16.91 -16.32 -9.32
CA PHE C 71 -17.27 -15.62 -8.09
C PHE C 71 -16.73 -14.15 -7.99
N ALA C 72 -17.38 -13.33 -7.18
CA ALA C 72 -17.07 -11.86 -7.05
C ALA C 72 -15.69 -11.79 -6.47
N ARG C 73 -15.32 -12.70 -5.59
CA ARG C 73 -14.12 -12.60 -4.85
C ARG C 73 -13.34 -13.94 -4.77
N SER C 74 -12.08 -13.93 -4.50
CA SER C 74 -11.39 -15.22 -4.60
C SER C 74 -11.71 -16.10 -3.37
N ASP C 75 -11.96 -15.53 -2.21
CA ASP C 75 -12.22 -16.37 -1.07
C ASP C 75 -13.61 -17.09 -1.17
N GLU C 76 -14.44 -16.60 -2.07
CA GLU C 76 -15.73 -17.16 -2.30
C GLU C 76 -15.38 -18.39 -3.21
N ARG C 77 -14.47 -18.21 -4.11
CA ARG C 77 -14.09 -19.24 -4.97
C ARG C 77 -13.39 -20.32 -4.20
N LYS C 78 -12.51 -19.96 -3.34
CA LYS C 78 -11.86 -20.96 -2.55
C LYS C 78 -12.83 -21.77 -1.73
N ARG C 79 -13.75 -21.12 -0.99
CA ARG C 79 -14.68 -21.84 -0.12
C ARG C 79 -15.55 -22.81 -0.93
N HIS C 80 -15.99 -22.38 -2.08
CA HIS C 80 -16.67 -23.18 -3.06
C HIS C 80 -15.90 -24.42 -3.57
N THR C 81 -14.61 -24.28 -3.82
CA THR C 81 -13.73 -25.30 -4.34
C THR C 81 -13.71 -26.52 -3.44
N LYS C 82 -14.12 -26.39 -2.21
CA LYS C 82 -13.94 -27.43 -1.24
C LYS C 82 -15.01 -28.52 -1.51
N ILE C 83 -16.03 -28.16 -2.23
CA ILE C 83 -17.15 -28.99 -2.36
C ILE C 83 -16.95 -30.06 -3.47
N HIS C 84 -15.99 -29.80 -4.34
CA HIS C 84 -15.54 -30.83 -5.21
C HIS C 84 -14.79 -31.94 -4.52
N LEU C 85 -14.29 -31.78 -3.31
CA LEU C 85 -13.36 -32.76 -2.76
C LEU C 85 -14.06 -33.59 -1.78
N ARG C 86 -15.35 -33.71 -1.92
CA ARG C 86 -16.12 -33.94 -0.72
C ARG C 86 -16.91 -35.21 -0.96
N GLN C 87 -18.17 -34.95 -1.32
CA GLN C 87 -19.37 -35.78 -0.98
C GLN C 87 -20.34 -35.02 -0.08
N ARG D 2 21.41 25.48 10.85
CA ARG D 2 20.46 24.97 9.82
C ARG D 2 20.04 26.00 8.71
N PRO D 3 20.99 26.32 7.86
CA PRO D 3 21.02 27.53 6.99
C PRO D 3 20.12 27.77 5.72
N TYR D 4 19.53 26.73 5.14
CA TYR D 4 18.88 26.92 3.83
C TYR D 4 17.36 26.93 4.03
N ALA D 5 16.72 28.08 3.76
CA ALA D 5 15.34 28.22 4.17
C ALA D 5 14.57 28.06 2.93
N CYS D 6 13.48 27.33 2.99
CA CYS D 6 12.55 27.27 1.88
C CYS D 6 11.91 28.68 1.76
N PRO D 7 11.99 29.24 0.56
CA PRO D 7 11.66 30.65 0.37
C PRO D 7 10.31 30.79 -0.30
N VAL D 8 9.55 29.73 -0.27
CA VAL D 8 8.13 29.76 -0.46
C VAL D 8 7.42 30.01 0.94
N GLU D 9 6.88 31.24 1.10
CA GLU D 9 5.76 31.68 2.03
C GLU D 9 4.88 30.75 3.03
N SER D 10 4.23 29.70 2.50
CA SER D 10 3.39 28.66 3.21
C SER D 10 4.26 27.63 3.97
N CYS D 11 5.59 27.85 3.97
CA CYS D 11 6.64 26.80 4.20
C CYS D 11 7.84 27.34 4.96
N ASP D 12 8.09 26.79 6.11
CA ASP D 12 9.03 27.41 7.00
C ASP D 12 10.22 26.53 7.03
N ARG D 13 10.00 25.35 6.46
CA ARG D 13 10.99 24.29 6.28
C ARG D 13 12.38 24.68 5.94
N ARG D 14 13.28 24.06 6.63
CA ARG D 14 14.65 24.51 6.72
C ARG D 14 15.65 23.31 6.42
N PHE D 15 16.75 23.51 5.73
CA PHE D 15 17.69 22.37 5.42
C PHE D 15 19.21 22.60 5.80
N SER D 16 19.87 21.64 6.45
CA SER D 16 21.34 21.60 6.65
C SER D 16 22.31 21.77 5.39
N ARG D 17 21.84 21.61 4.12
CA ARG D 17 22.68 21.73 2.91
C ARG D 17 21.86 22.22 1.76
N SER D 18 22.53 22.83 0.79
CA SER D 18 21.86 23.37 -0.38
C SER D 18 21.25 22.31 -1.25
N ASP D 19 21.81 21.07 -1.27
CA ASP D 19 21.28 20.01 -2.26
C ASP D 19 19.85 19.59 -1.76
N GLU D 20 19.73 19.35 -0.45
CA GLU D 20 18.44 19.34 0.25
C GLU D 20 17.44 20.37 -0.17
N LEU D 21 17.79 21.64 -0.08
CA LEU D 21 16.74 22.61 -0.40
C LEU D 21 16.23 22.48 -1.80
N THR D 22 17.20 22.35 -2.66
CA THR D 22 16.88 22.43 -4.12
C THR D 22 15.89 21.35 -4.60
N ARG D 23 16.17 20.15 -4.01
CA ARG D 23 15.41 18.88 -4.17
C ARG D 23 13.97 19.17 -3.59
N HIS D 24 13.97 19.68 -2.36
CA HIS D 24 12.73 20.12 -1.78
C HIS D 24 11.93 21.04 -2.65
N ILE D 25 12.53 22.07 -3.29
CA ILE D 25 11.77 23.08 -4.02
C ILE D 25 10.89 22.40 -5.09
N ARG D 26 11.40 21.27 -5.57
CA ARG D 26 10.78 20.47 -6.65
C ARG D 26 9.31 20.03 -6.35
N ILE D 27 8.86 20.26 -5.13
CA ILE D 27 7.58 19.77 -4.79
C ILE D 27 6.62 20.88 -4.92
N HIS D 28 7.11 22.10 -4.75
CA HIS D 28 6.32 23.28 -5.10
C HIS D 28 6.28 23.46 -6.67
N THR D 29 7.30 22.95 -7.37
CA THR D 29 7.34 23.09 -8.84
C THR D 29 6.78 21.90 -9.64
N GLY D 30 6.47 20.78 -9.02
CA GLY D 30 6.05 19.62 -9.79
C GLY D 30 7.13 19.15 -10.76
N GLN D 31 8.37 19.44 -10.48
CA GLN D 31 9.34 19.18 -11.50
C GLN D 31 9.79 17.72 -11.35
N LYS D 32 9.73 16.99 -12.45
CA LYS D 32 10.30 15.66 -12.48
C LYS D 32 11.21 15.54 -13.72
N PRO D 33 12.48 15.74 -13.47
CA PRO D 33 13.55 15.43 -14.41
C PRO D 33 13.39 14.09 -15.08
N PHE D 34 13.40 13.05 -14.24
CA PHE D 34 13.77 11.71 -14.65
C PHE D 34 12.55 11.02 -15.31
N GLN D 35 12.78 10.18 -16.34
CA GLN D 35 11.68 9.56 -17.11
C GLN D 35 11.93 8.06 -17.28
N CYS D 36 10.83 7.30 -17.36
CA CYS D 36 10.96 5.87 -17.43
C CYS D 36 11.11 5.49 -18.91
N ARG D 37 12.29 4.88 -19.23
CA ARG D 37 12.59 4.41 -20.61
C ARG D 37 11.45 3.44 -21.08
N ILE D 38 10.60 3.05 -20.14
CA ILE D 38 9.63 2.01 -20.35
C ILE D 38 8.17 2.44 -20.20
N CYS D 39 7.78 3.26 -19.22
CA CYS D 39 6.32 3.65 -19.06
C CYS D 39 6.03 5.04 -19.45
N MET D 40 7.06 5.86 -19.64
CA MET D 40 6.87 7.32 -20.00
C MET D 40 6.38 8.20 -18.81
N ARG D 41 6.51 7.60 -17.61
CA ARG D 41 6.01 8.18 -16.35
C ARG D 41 7.23 9.00 -15.93
N ASN D 42 6.92 10.24 -15.48
CA ASN D 42 7.90 11.13 -14.86
C ASN D 42 7.90 11.03 -13.33
N PHE D 43 9.09 10.95 -12.74
CA PHE D 43 9.34 11.07 -11.30
C PHE D 43 10.46 12.04 -10.91
N SER D 44 10.37 12.56 -9.66
CA SER D 44 11.07 13.68 -9.08
C SER D 44 12.50 13.34 -8.67
N ARG D 45 12.93 12.11 -8.83
CA ARG D 45 14.27 11.69 -8.34
C ARG D 45 14.69 10.31 -8.82
N SER D 46 16.00 10.26 -8.86
CA SER D 46 16.74 9.37 -9.69
C SER D 46 16.86 8.05 -8.97
N ASP D 47 16.97 8.18 -7.65
CA ASP D 47 16.99 7.01 -6.85
C ASP D 47 15.55 6.36 -7.02
N HIS D 48 14.47 7.16 -6.89
CA HIS D 48 13.08 6.61 -6.99
C HIS D 48 12.75 5.93 -8.39
N LEU D 49 13.56 6.33 -9.39
CA LEU D 49 13.32 5.91 -10.70
C LEU D 49 13.96 4.56 -10.89
N THR D 50 14.91 4.28 -10.09
CA THR D 50 15.58 2.98 -10.09
C THR D 50 14.85 1.87 -9.37
N THR D 51 14.48 2.20 -8.12
CA THR D 51 13.39 1.42 -7.37
C THR D 51 12.17 1.30 -8.25
N HIS D 52 11.70 2.36 -8.88
CA HIS D 52 10.65 2.20 -9.79
C HIS D 52 10.81 1.16 -10.92
N ILE D 53 12.07 1.07 -11.46
CA ILE D 53 12.29 0.33 -12.68
C ILE D 53 12.18 -1.09 -12.25
N ARG D 54 12.42 -1.40 -10.99
CA ARG D 54 12.44 -2.81 -10.57
C ARG D 54 11.01 -3.31 -10.65
N THR D 55 10.05 -2.43 -10.99
CA THR D 55 8.63 -2.82 -10.98
C THR D 55 8.34 -3.46 -12.30
N HIS D 56 8.99 -2.98 -13.40
CA HIS D 56 8.98 -3.74 -14.61
C HIS D 56 9.93 -4.99 -14.71
N THR D 57 11.12 -4.93 -14.14
CA THR D 57 12.16 -5.81 -14.60
C THR D 57 12.17 -7.01 -13.67
N GLY D 58 11.61 -6.80 -12.47
CA GLY D 58 11.56 -7.85 -11.50
C GLY D 58 12.88 -7.78 -10.77
N GLU D 59 13.69 -6.71 -10.92
CA GLU D 59 14.97 -6.73 -10.16
C GLU D 59 14.62 -6.59 -8.64
N LYS D 60 15.33 -7.36 -7.92
CA LYS D 60 14.90 -7.73 -6.69
C LYS D 60 16.25 -8.15 -6.01
N PRO D 61 17.12 -7.16 -5.67
CA PRO D 61 18.18 -7.45 -4.66
C PRO D 61 17.60 -8.10 -3.33
N PHE D 62 18.18 -7.81 -2.22
CA PHE D 62 17.50 -7.90 -0.93
C PHE D 62 16.82 -9.23 -0.36
N ALA D 63 17.38 -9.81 0.73
CA ALA D 63 16.74 -11.05 1.29
C ALA D 63 16.53 -11.21 2.72
N CYS D 64 15.31 -11.67 2.96
CA CYS D 64 14.78 -11.96 4.27
C CYS D 64 15.86 -13.15 4.87
N ASP D 65 16.59 -12.82 5.92
CA ASP D 65 17.51 -13.77 6.43
C ASP D 65 16.75 -14.99 6.89
N ILE D 66 15.66 -14.84 7.62
CA ILE D 66 14.90 -16.07 8.03
C ILE D 66 14.23 -17.06 6.95
N CYS D 67 13.51 -16.52 5.92
CA CYS D 67 12.92 -17.30 4.81
C CYS D 67 13.57 -17.02 3.41
N GLY D 68 14.54 -16.08 3.28
CA GLY D 68 15.13 -15.70 1.98
C GLY D 68 14.03 -15.47 0.95
N ARG D 69 12.95 -14.73 1.36
CA ARG D 69 12.06 -14.13 0.34
C ARG D 69 12.72 -12.77 -0.17
N LYS D 70 12.54 -12.53 -1.43
CA LYS D 70 13.25 -11.47 -2.09
C LYS D 70 12.28 -10.18 -2.34
N PHE D 71 12.87 -8.99 -2.31
CA PHE D 71 12.20 -7.71 -2.43
C PHE D 71 12.98 -6.81 -3.24
N ALA D 72 12.31 -5.81 -3.82
CA ALA D 72 12.91 -4.83 -4.68
C ALA D 72 13.68 -3.87 -3.84
N ARG D 73 13.36 -3.62 -2.56
CA ARG D 73 14.04 -2.61 -1.80
C ARG D 73 14.15 -2.97 -0.40
N SER D 74 14.99 -2.21 0.28
CA SER D 74 15.59 -2.68 1.54
C SER D 74 14.62 -2.40 2.65
N ASP D 75 13.97 -1.25 2.45
CA ASP D 75 12.75 -0.89 3.27
C ASP D 75 11.64 -1.96 3.25
N GLU D 76 11.40 -2.53 2.09
CA GLU D 76 10.56 -3.67 1.94
C GLU D 76 11.05 -4.88 2.71
N ARG D 77 12.38 -5.20 2.62
CA ARG D 77 12.82 -6.32 3.47
C ARG D 77 12.95 -5.97 4.85
N LYS D 78 13.33 -4.73 5.18
CA LYS D 78 13.36 -4.40 6.66
C LYS D 78 11.98 -4.72 7.31
N ARG D 79 10.96 -4.19 6.62
CA ARG D 79 9.51 -4.33 7.04
C ARG D 79 9.15 -5.81 6.99
N HIS D 80 9.48 -6.50 5.88
CA HIS D 80 9.16 -7.91 5.85
C HIS D 80 9.72 -8.70 7.07
N THR D 81 10.92 -8.33 7.53
CA THR D 81 11.67 -9.27 8.39
C THR D 81 11.04 -9.31 9.72
N LYS D 82 10.30 -8.21 9.99
CA LYS D 82 9.68 -7.98 11.30
C LYS D 82 8.59 -9.04 11.57
N ILE D 83 8.19 -9.78 10.51
CA ILE D 83 7.05 -10.73 10.68
C ILE D 83 7.40 -12.19 11.17
N HIS D 84 8.70 -12.43 11.37
CA HIS D 84 9.24 -13.64 12.01
C HIS D 84 9.24 -13.54 13.59
N LEU D 85 9.89 -12.50 14.16
CA LEU D 85 9.93 -12.22 15.64
C LEU D 85 8.65 -12.62 16.45
#